data_6EUQ
#
_entry.id   6EUQ
#
_cell.length_a   95.189
_cell.length_b   62.869
_cell.length_c   100.480
_cell.angle_alpha   90.00
_cell.angle_beta   110.30
_cell.angle_gamma   90.00
#
_symmetry.space_group_name_H-M   'C 1 2 1'
#
loop_
_entity.id
_entity.type
_entity.pdbx_description
1 polymer 'Multidrug transporter MdfA'
2 non-polymer 'nonyl beta-D-glucopyranoside'
3 non-polymer '(3ALPHA,5BETA,12ALPHA)-3,12-DIHYDROXYCHOLAN-24-OIC ACID'
4 non-polymer 'PRASEODYMIUM ION'
5 non-polymer 'TRIETHYLENE GLYCOL'
6 non-polymer N-OCTANE
7 non-polymer HEXANE
8 non-polymer 'ACETATE ION'
9 non-polymer 'TETRAETHYLENE GLYCOL'
10 water water
#
_entity_poly.entity_id   1
_entity_poly.type   'polypeptide(L)'
_entity_poly.pdbx_seq_one_letter_code
;MQNKLASGARLGRQALLFPLCLVLYEFSTYIGNDMIQPGMLAVVEQYQAGIDWVPTSMTAYLAGGMFLQWLLGPLSDRIG
RRPVMLAGVVWFIVTCLAILLAQNIEQFTLLRFLQGISLCFIGAVGYAAIRESFEEAVCIKITALMANVALIAPLLGPLV
GAAWIHVLPWEGMFVLFAALAAISFFGLQRAMPETATRIGEKLSLKELGRDYKLVLKNGRFVAGALALGFVSLPLLAWIA
QSPIIIITGEQLSSYEYGLLQVPIFGALIAGNLLLARLTSRRTVRSLIIMGGWPIMIGLLVAAAATVISSHAYLWMTAGL
SIYAFGIGLANAGLVRLTEFASDMSKGTVSAAMGMLQMLIFTVGIEISKHAWLNGGNGLFNLFNLVNGILWLSLMVIFLK
DKQMGNSHEGASTHHHHHH
;
_entity_poly.pdbx_strand_id   A
#
# COMPACT_ATOMS: atom_id res chain seq x y z
N ALA A 15 -24.45 -12.80 -7.69
CA ALA A 15 -23.78 -13.18 -6.41
C ALA A 15 -22.30 -12.79 -6.40
N LEU A 16 -21.54 -13.33 -7.35
CA LEU A 16 -20.10 -13.07 -7.45
C LEU A 16 -19.73 -11.78 -8.20
N LEU A 17 -20.73 -11.06 -8.74
CA LEU A 17 -20.51 -9.74 -9.33
C LEU A 17 -20.14 -8.69 -8.26
N PHE A 18 -20.60 -8.89 -7.03
CA PHE A 18 -20.25 -8.03 -5.89
C PHE A 18 -18.74 -8.07 -5.54
N PRO A 19 -18.20 -9.27 -5.21
CA PRO A 19 -16.75 -9.35 -4.94
C PRO A 19 -15.84 -8.97 -6.12
N LEU A 20 -16.26 -9.26 -7.35
CA LEU A 20 -15.47 -8.92 -8.54
C LEU A 20 -15.34 -7.41 -8.77
N CYS A 21 -16.45 -6.68 -8.57
CA CYS A 21 -16.44 -5.21 -8.70
C CYS A 21 -15.67 -4.54 -7.56
N LEU A 22 -15.70 -5.13 -6.36
CA LEU A 22 -14.87 -4.69 -5.24
C LEU A 22 -13.37 -4.89 -5.55
N VAL A 23 -13.05 -5.99 -6.23
CA VAL A 23 -11.69 -6.25 -6.72
C VAL A 23 -11.29 -5.29 -7.84
N LEU A 24 -12.22 -4.98 -8.74
CA LEU A 24 -11.98 -4.00 -9.81
C LEU A 24 -11.74 -2.61 -9.24
N TYR A 25 -12.50 -2.24 -8.22
CA TYR A 25 -12.30 -0.99 -7.48
C TYR A 25 -10.96 -0.98 -6.73
N GLU A 26 -10.61 -2.10 -6.12
CA GLU A 26 -9.31 -2.28 -5.46
C GLU A 26 -8.16 -2.05 -6.44
N PHE A 27 -8.23 -2.71 -7.60
CA PHE A 27 -7.24 -2.55 -8.67
C PHE A 27 -7.11 -1.10 -9.12
N SER A 28 -8.25 -0.43 -9.31
CA SER A 28 -8.26 0.97 -9.77
CA SER A 28 -8.28 0.98 -9.76
C SER A 28 -7.55 1.92 -8.80
N THR A 29 -7.77 1.72 -7.51
CA THR A 29 -7.13 2.56 -6.47
C THR A 29 -5.64 2.21 -6.29
N TYR A 30 -5.27 0.96 -6.53
CA TYR A 30 -3.88 0.50 -6.43
C TYR A 30 -3.02 1.01 -7.58
N ILE A 31 -3.54 0.95 -8.82
CA ILE A 31 -2.89 1.60 -9.97
C ILE A 31 -2.99 3.13 -9.87
N GLY A 32 -4.00 3.63 -9.15
CA GLY A 32 -4.07 5.03 -8.73
C GLY A 32 -2.81 5.57 -8.08
N ASN A 33 -2.05 4.69 -7.43
CA ASN A 33 -0.69 4.98 -6.96
C ASN A 33 0.39 4.53 -7.95
N ASP A 34 0.30 3.27 -8.40
CA ASP A 34 1.41 2.59 -9.08
C ASP A 34 1.64 3.02 -10.54
N MET A 35 0.59 3.39 -11.27
CA MET A 35 0.73 4.00 -12.59
C MET A 35 1.17 5.46 -12.53
N ILE A 36 0.78 6.17 -11.48
CA ILE A 36 1.05 7.61 -11.35
C ILE A 36 2.52 7.94 -11.09
N GLN A 37 3.19 7.15 -10.24
CA GLN A 37 4.58 7.43 -9.86
C GLN A 37 5.58 7.63 -11.01
N PRO A 38 5.57 6.75 -12.03
CA PRO A 38 6.37 7.06 -13.22
C PRO A 38 5.85 8.29 -13.99
N GLY A 39 4.53 8.47 -14.01
CA GLY A 39 3.90 9.65 -14.59
C GLY A 39 4.19 10.97 -13.90
N MET A 40 4.61 10.92 -12.63
CA MET A 40 4.97 12.14 -11.87
C MET A 40 6.14 12.93 -12.44
N LEU A 41 6.99 12.29 -13.25
CA LEU A 41 8.06 12.99 -13.99
C LEU A 41 7.47 13.94 -15.04
N ALA A 42 6.42 13.50 -15.73
CA ALA A 42 5.68 14.36 -16.65
C ALA A 42 4.89 15.45 -15.92
N VAL A 43 4.28 15.07 -14.79
CA VAL A 43 3.46 16.00 -13.99
C VAL A 43 4.27 17.20 -13.50
N VAL A 44 5.41 16.92 -12.85
CA VAL A 44 6.29 18.00 -12.36
C VAL A 44 6.94 18.82 -13.50
N GLU A 45 7.10 18.21 -14.67
CA GLU A 45 7.55 18.93 -15.87
C GLU A 45 6.48 19.90 -16.37
N GLN A 46 5.22 19.47 -16.36
CA GLN A 46 4.09 20.32 -16.76
C GLN A 46 3.84 21.50 -15.80
N TYR A 47 4.03 21.28 -14.51
CA TYR A 47 3.90 22.34 -13.49
C TYR A 47 5.18 23.14 -13.25
N GLN A 48 6.32 22.68 -13.79
CA GLN A 48 7.65 23.20 -13.48
C GLN A 48 7.94 23.18 -11.96
N ALA A 49 7.60 22.06 -11.33
CA ALA A 49 7.88 21.82 -9.93
C ALA A 49 9.14 20.97 -9.81
N GLY A 50 9.77 21.00 -8.65
CA GLY A 50 10.97 20.21 -8.39
C GLY A 50 10.66 18.73 -8.28
N ILE A 51 11.68 17.90 -8.50
CA ILE A 51 11.56 16.43 -8.38
C ILE A 51 11.23 15.94 -6.95
N ASP A 52 11.48 16.77 -5.94
CA ASP A 52 11.04 16.52 -4.56
C ASP A 52 9.52 16.35 -4.37
N TRP A 53 8.71 16.84 -5.32
CA TRP A 53 7.26 16.61 -5.31
C TRP A 53 6.81 15.24 -5.86
N VAL A 54 7.71 14.48 -6.49
CA VAL A 54 7.39 13.17 -7.06
C VAL A 54 6.98 12.14 -5.99
N PRO A 55 7.87 11.86 -5.01
CA PRO A 55 7.46 10.92 -3.94
C PRO A 55 6.39 11.45 -2.99
N THR A 56 6.27 12.77 -2.86
CA THR A 56 5.22 13.41 -2.05
C THR A 56 3.81 13.15 -2.59
N SER A 57 3.70 12.86 -3.89
CA SER A 57 2.44 12.39 -4.49
C SER A 57 1.91 11.13 -3.80
N MET A 58 2.82 10.19 -3.56
CA MET A 58 2.49 8.93 -2.87
C MET A 58 2.22 9.14 -1.38
N THR A 59 3.00 10.02 -0.75
CA THR A 59 2.81 10.39 0.66
C THR A 59 1.40 10.93 0.93
N ALA A 60 0.95 11.86 0.08
CA ALA A 60 -0.39 12.44 0.18
C ALA A 60 -1.47 11.36 0.00
N TYR A 61 -1.30 10.55 -1.03
CA TYR A 61 -2.21 9.42 -1.34
C TYR A 61 -2.35 8.46 -0.16
N LEU A 62 -1.21 8.12 0.47
CA LEU A 62 -1.20 7.28 1.67
C LEU A 62 -1.82 7.96 2.89
N ALA A 63 -1.53 9.24 3.08
CA ALA A 63 -2.08 10.04 4.19
C ALA A 63 -3.60 10.16 4.14
N GLY A 64 -4.15 10.22 2.92
CA GLY A 64 -5.59 10.17 2.71
C GLY A 64 -6.22 8.88 3.22
N GLY A 65 -5.56 7.75 2.97
CA GLY A 65 -6.02 6.43 3.40
C GLY A 65 -6.07 6.14 4.89
N MET A 66 -5.44 7.00 5.70
CA MET A 66 -5.54 6.91 7.18
C MET A 66 -6.43 8.01 7.79
N PHE A 67 -7.14 8.77 6.94
CA PHE A 67 -7.92 9.92 7.38
C PHE A 67 -9.28 9.50 7.97
N LEU A 68 -10.03 8.69 7.23
CA LEU A 68 -11.36 8.21 7.66
C LEU A 68 -11.40 6.69 7.91
N GLN A 69 -10.23 6.05 8.05
CA GLN A 69 -10.17 4.59 8.22
C GLN A 69 -10.74 4.15 9.58
N TRP A 70 -10.47 4.96 10.61
CA TRP A 70 -11.07 4.77 11.94
C TRP A 70 -12.61 4.84 11.98
N LEU A 71 -13.18 5.73 11.16
CA LEU A 71 -14.63 6.01 11.18
C LEU A 71 -15.47 5.02 10.37
N LEU A 72 -15.02 4.70 9.16
CA LEU A 72 -15.87 4.06 8.15
C LEU A 72 -16.43 2.67 8.51
N GLY A 73 -15.66 1.87 9.24
CA GLY A 73 -16.10 0.54 9.66
C GLY A 73 -17.29 0.61 10.61
N PRO A 74 -17.12 1.29 11.77
CA PRO A 74 -18.23 1.59 12.68
C PRO A 74 -19.37 2.41 12.07
N LEU A 75 -19.04 3.35 11.17
CA LEU A 75 -20.05 4.17 10.49
C LEU A 75 -20.93 3.36 9.55
N SER A 76 -20.31 2.55 8.69
CA SER A 76 -21.04 1.72 7.71
C SER A 76 -21.89 0.61 8.37
N ASP A 77 -21.51 0.19 9.57
CA ASP A 77 -22.30 -0.77 10.34
C ASP A 77 -23.65 -0.17 10.81
N ARG A 78 -23.68 1.16 11.01
CA ARG A 78 -24.86 1.88 11.50
C ARG A 78 -25.79 2.41 10.41
N ILE A 79 -25.22 2.94 9.33
CA ILE A 79 -26.03 3.53 8.23
C ILE A 79 -26.11 2.66 6.96
N GLY A 80 -25.39 1.53 6.93
CA GLY A 80 -25.45 0.57 5.84
C GLY A 80 -24.15 0.47 5.05
N ARG A 81 -23.73 -0.76 4.76
CA ARG A 81 -22.53 -1.03 3.97
C ARG A 81 -22.64 -0.54 2.52
N ARG A 82 -23.86 -0.61 1.94
CA ARG A 82 -24.10 -0.15 0.57
C ARG A 82 -23.82 1.35 0.35
N PRO A 83 -24.60 2.26 0.99
CA PRO A 83 -24.44 3.70 0.72
C PRO A 83 -23.03 4.26 1.02
N VAL A 84 -22.37 3.73 2.04
CA VAL A 84 -21.02 4.18 2.41
C VAL A 84 -19.98 3.73 1.36
N MET A 85 -20.09 2.48 0.90
CA MET A 85 -19.19 1.96 -0.14
C MET A 85 -19.38 2.67 -1.47
N LEU A 86 -20.64 2.89 -1.85
CA LEU A 86 -20.98 3.62 -3.08
C LEU A 86 -20.50 5.07 -3.04
N ALA A 87 -20.57 5.70 -1.87
CA ALA A 87 -20.08 7.07 -1.68
C ALA A 87 -18.56 7.16 -1.84
N GLY A 88 -17.85 6.16 -1.34
CA GLY A 88 -16.39 6.07 -1.51
C GLY A 88 -15.95 5.89 -2.95
N VAL A 89 -16.72 5.10 -3.72
CA VAL A 89 -16.44 4.87 -5.13
C VAL A 89 -16.70 6.15 -5.94
N VAL A 90 -17.81 6.83 -5.64
CA VAL A 90 -18.17 8.11 -6.29
C VAL A 90 -17.14 9.19 -5.95
N TRP A 91 -16.72 9.25 -4.68
CA TRP A 91 -15.67 10.17 -4.24
C TRP A 91 -14.35 9.97 -5.00
N PHE A 92 -13.98 8.72 -5.23
CA PHE A 92 -12.78 8.38 -6.02
C PHE A 92 -12.88 8.88 -7.46
N ILE A 93 -14.05 8.69 -8.07
CA ILE A 93 -14.31 9.12 -9.45
C ILE A 93 -14.23 10.64 -9.58
N VAL A 94 -14.91 11.35 -8.67
CA VAL A 94 -14.96 12.82 -8.68
C VAL A 94 -13.57 13.43 -8.44
N THR A 95 -12.87 12.92 -7.43
CA THR A 95 -11.53 13.43 -7.10
C THR A 95 -10.46 13.07 -8.14
N CYS A 96 -10.65 11.96 -8.86
CA CYS A 96 -9.79 11.61 -9.99
C CYS A 96 -9.94 12.61 -11.14
N LEU A 97 -11.19 12.92 -11.49
CA LEU A 97 -11.48 13.92 -12.52
C LEU A 97 -11.15 15.35 -12.07
N ALA A 98 -11.29 15.63 -10.77
CA ALA A 98 -11.01 16.97 -10.22
C ALA A 98 -9.54 17.39 -10.31
N ILE A 99 -8.61 16.44 -10.28
CA ILE A 99 -7.17 16.73 -10.33
C ILE A 99 -6.69 17.30 -11.68
N LEU A 100 -7.48 17.08 -12.74
CA LEU A 100 -7.21 17.68 -14.06
C LEU A 100 -7.28 19.22 -14.04
N LEU A 101 -8.06 19.79 -13.12
CA LEU A 101 -8.16 21.24 -12.93
C LEU A 101 -7.13 21.83 -11.95
N ALA A 102 -6.21 21.01 -11.45
CA ALA A 102 -5.17 21.48 -10.53
C ALA A 102 -4.21 22.41 -11.26
N GLN A 103 -3.98 23.58 -10.66
CA GLN A 103 -3.27 24.68 -11.31
C GLN A 103 -1.79 24.76 -10.89
N ASN A 104 -1.44 24.17 -9.75
CA ASN A 104 -0.04 23.98 -9.36
C ASN A 104 0.15 22.64 -8.65
N ILE A 105 1.40 22.31 -8.37
CA ILE A 105 1.77 21.04 -7.71
C ILE A 105 1.22 20.92 -6.28
N GLU A 106 0.99 22.06 -5.61
CA GLU A 106 0.36 22.08 -4.27
C GLU A 106 -1.10 21.61 -4.34
N GLN A 107 -1.85 22.14 -5.31
CA GLN A 107 -3.24 21.71 -5.54
C GLN A 107 -3.32 20.26 -6.03
N PHE A 108 -2.37 19.86 -6.86
CA PHE A 108 -2.24 18.47 -7.31
C PHE A 108 -2.05 17.53 -6.12
N THR A 109 -1.10 17.87 -5.24
CA THR A 109 -0.82 17.10 -4.03
C THR A 109 -2.01 17.05 -3.06
N LEU A 110 -2.74 18.16 -2.96
CA LEU A 110 -3.97 18.21 -2.16
C LEU A 110 -5.03 17.23 -2.68
N LEU A 111 -5.19 17.18 -4.00
CA LEU A 111 -6.15 16.26 -4.63
C LEU A 111 -5.71 14.79 -4.55
N ARG A 112 -4.40 14.54 -4.52
CA ARG A 112 -3.88 13.19 -4.24
C ARG A 112 -4.33 12.73 -2.84
N PHE A 113 -4.26 13.63 -1.86
CA PHE A 113 -4.76 13.36 -0.50
C PHE A 113 -6.26 13.03 -0.49
N LEU A 114 -7.05 13.83 -1.18
CA LEU A 114 -8.51 13.62 -1.25
C LEU A 114 -8.87 12.30 -1.95
N GLN A 115 -8.17 12.00 -3.04
CA GLN A 115 -8.27 10.69 -3.70
C GLN A 115 -7.94 9.53 -2.75
N GLY A 116 -6.88 9.72 -1.96
CA GLY A 116 -6.44 8.73 -0.97
C GLY A 116 -7.45 8.30 0.08
N ILE A 117 -8.43 9.15 0.39
CA ILE A 117 -9.52 8.81 1.31
C ILE A 117 -10.33 7.59 0.81
N SER A 118 -10.40 7.44 -0.52
CA SER A 118 -11.03 6.28 -1.16
C SER A 118 -10.43 4.91 -0.81
N LEU A 119 -9.15 4.89 -0.41
CA LEU A 119 -8.47 3.65 0.02
C LEU A 119 -9.04 3.04 1.30
N CYS A 120 -9.53 3.89 2.21
CA CYS A 120 -10.16 3.44 3.47
C CYS A 120 -11.33 2.47 3.29
N PHE A 121 -12.08 2.65 2.20
CA PHE A 121 -13.36 1.95 1.98
C PHE A 121 -13.21 0.47 1.61
N ILE A 122 -12.02 0.05 1.20
CA ILE A 122 -11.81 -1.33 0.71
C ILE A 122 -11.87 -2.33 1.87
N GLY A 123 -11.02 -2.11 2.87
CA GLY A 123 -10.92 -2.99 4.03
C GLY A 123 -12.02 -2.77 5.05
N ALA A 124 -12.26 -1.51 5.40
CA ALA A 124 -13.20 -1.14 6.47
C ALA A 124 -14.68 -1.37 6.12
N VAL A 125 -15.05 -1.17 4.86
CA VAL A 125 -16.44 -1.26 4.40
C VAL A 125 -16.65 -2.46 3.47
N GLY A 126 -15.89 -2.52 2.38
CA GLY A 126 -16.03 -3.55 1.36
C GLY A 126 -15.76 -4.96 1.84
N TYR A 127 -14.60 -5.16 2.45
CA TYR A 127 -14.19 -6.48 2.93
C TYR A 127 -15.01 -6.96 4.13
N ALA A 128 -15.47 -6.03 4.96
CA ALA A 128 -16.40 -6.35 6.05
C ALA A 128 -17.70 -6.95 5.53
N ALA A 129 -18.23 -6.39 4.44
CA ALA A 129 -19.44 -6.90 3.78
C ALA A 129 -19.24 -8.27 3.13
N ILE A 130 -18.02 -8.57 2.67
CA ILE A 130 -17.67 -9.87 2.10
C ILE A 130 -17.71 -10.98 3.18
N ARG A 131 -17.13 -10.70 4.33
CA ARG A 131 -17.13 -11.64 5.47
C ARG A 131 -18.55 -11.94 5.98
N GLU A 132 -19.38 -10.89 6.03
CA GLU A 132 -20.78 -11.02 6.44
C GLU A 132 -21.64 -11.77 5.41
N SER A 133 -21.40 -11.53 4.12
CA SER A 133 -22.19 -12.12 3.03
C SER A 133 -21.89 -13.60 2.81
N PHE A 134 -20.64 -13.90 2.45
CA PHE A 134 -20.24 -15.23 1.98
C PHE A 134 -19.79 -16.16 3.10
N GLU A 135 -19.68 -17.45 2.77
CA GLU A 135 -19.22 -18.48 3.70
C GLU A 135 -17.70 -18.39 3.89
N GLU A 136 -17.18 -19.15 4.85
CA GLU A 136 -15.74 -19.16 5.16
C GLU A 136 -14.88 -19.69 3.99
N ALA A 137 -15.39 -20.69 3.27
CA ALA A 137 -14.67 -21.26 2.12
C ALA A 137 -14.59 -20.27 0.95
N VAL A 138 -15.70 -19.59 0.66
CA VAL A 138 -15.76 -18.62 -0.44
C VAL A 138 -15.02 -17.32 -0.10
N CYS A 139 -15.08 -16.90 1.16
CA CYS A 139 -14.38 -15.70 1.63
C CYS A 139 -12.84 -15.81 1.51
N ILE A 140 -12.31 -17.00 1.79
CA ILE A 140 -10.86 -17.27 1.65
C ILE A 140 -10.41 -17.16 0.17
N LYS A 141 -11.23 -17.67 -0.75
CA LYS A 141 -10.95 -17.56 -2.19
C LYS A 141 -10.97 -16.11 -2.67
N ILE A 142 -11.91 -15.31 -2.16
CA ILE A 142 -11.99 -13.88 -2.49
C ILE A 142 -10.81 -13.11 -1.89
N THR A 143 -10.45 -13.42 -0.64
CA THR A 143 -9.29 -12.82 0.04
C THR A 143 -7.99 -13.08 -0.73
N ALA A 144 -7.82 -14.30 -1.23
CA ALA A 144 -6.66 -14.66 -2.04
C ALA A 144 -6.61 -13.91 -3.38
N LEU A 145 -7.78 -13.70 -3.99
CA LEU A 145 -7.90 -12.94 -5.24
C LEU A 145 -7.53 -11.47 -5.05
N MET A 146 -8.01 -10.88 -3.95
CA MET A 146 -7.65 -9.51 -3.57
C MET A 146 -6.15 -9.37 -3.28
N ALA A 147 -5.58 -10.38 -2.63
CA ALA A 147 -4.13 -10.43 -2.38
C ALA A 147 -3.31 -10.50 -3.66
N ASN A 148 -3.78 -11.28 -4.65
CA ASN A 148 -3.10 -11.40 -5.94
C ASN A 148 -3.11 -10.10 -6.74
N VAL A 149 -4.22 -9.36 -6.68
CA VAL A 149 -4.33 -8.04 -7.31
C VAL A 149 -3.39 -7.02 -6.64
N ALA A 150 -3.21 -7.14 -5.33
CA ALA A 150 -2.25 -6.31 -4.59
C ALA A 150 -0.80 -6.58 -4.99
N LEU A 151 -0.49 -7.82 -5.39
CA LEU A 151 0.85 -8.19 -5.87
C LEU A 151 1.09 -7.81 -7.34
N ILE A 152 0.05 -7.86 -8.16
CA ILE A 152 0.15 -7.57 -9.60
C ILE A 152 0.28 -6.06 -9.88
N ALA A 153 -0.47 -5.24 -9.15
CA ALA A 153 -0.48 -3.77 -9.35
C ALA A 153 0.90 -3.07 -9.34
N PRO A 154 1.76 -3.35 -8.34
CA PRO A 154 3.08 -2.71 -8.33
C PRO A 154 4.09 -3.25 -9.34
N LEU A 155 3.79 -4.41 -9.96
CA LEU A 155 4.60 -4.93 -11.07
C LEU A 155 4.19 -4.27 -12.37
N LEU A 156 2.91 -4.39 -12.70
CA LEU A 156 2.37 -3.86 -13.97
C LEU A 156 2.25 -2.34 -13.99
N GLY A 157 1.85 -1.76 -12.86
CA GLY A 157 1.68 -0.31 -12.69
C GLY A 157 2.81 0.56 -13.25
N PRO A 158 4.05 0.36 -12.76
CA PRO A 158 5.18 1.14 -13.30
C PRO A 158 5.52 0.87 -14.77
N LEU A 159 5.30 -0.37 -15.24
CA LEU A 159 5.50 -0.73 -16.65
C LEU A 159 4.47 -0.05 -17.55
N VAL A 160 3.20 -0.15 -17.14
CA VAL A 160 2.08 0.44 -17.87
C VAL A 160 2.13 1.98 -17.81
N GLY A 161 2.47 2.52 -16.63
CA GLY A 161 2.60 3.97 -16.45
C GLY A 161 3.69 4.60 -17.29
N ALA A 162 4.84 3.93 -17.34
CA ALA A 162 5.97 4.36 -18.18
C ALA A 162 5.62 4.29 -19.68
N ALA A 163 4.95 3.22 -20.09
CA ALA A 163 4.47 3.07 -21.47
C ALA A 163 3.38 4.09 -21.82
N TRP A 164 2.49 4.36 -20.87
CA TRP A 164 1.39 5.33 -21.07
C TRP A 164 1.90 6.74 -21.35
N ILE A 165 2.89 7.18 -20.57
CA ILE A 165 3.32 8.59 -20.59
C ILE A 165 4.07 9.00 -21.86
N HIS A 166 4.64 8.01 -22.57
CA HIS A 166 5.36 8.21 -23.83
CA HIS A 166 5.35 8.28 -23.82
C HIS A 166 4.41 8.53 -25.00
N VAL A 167 3.15 8.09 -24.89
CA VAL A 167 2.13 8.34 -25.94
C VAL A 167 0.98 9.26 -25.50
N LEU A 168 0.50 9.11 -24.26
CA LEU A 168 -0.67 9.82 -23.76
C LEU A 168 -0.31 10.71 -22.57
N PRO A 169 -1.09 11.78 -22.33
CA PRO A 169 -0.81 12.68 -21.20
C PRO A 169 -1.19 12.07 -19.85
N TRP A 170 -0.60 12.59 -18.77
CA TRP A 170 -0.86 12.12 -17.41
C TRP A 170 -2.33 12.27 -16.99
N GLU A 171 -3.01 13.28 -17.53
CA GLU A 171 -4.44 13.52 -17.26
C GLU A 171 -5.30 12.31 -17.64
N GLY A 172 -4.96 11.64 -18.73
CA GLY A 172 -5.66 10.43 -19.17
C GLY A 172 -5.64 9.26 -18.21
N MET A 173 -4.58 9.14 -17.40
CA MET A 173 -4.50 8.08 -16.38
C MET A 173 -5.61 8.19 -15.34
N PHE A 174 -5.90 9.41 -14.91
CA PHE A 174 -6.99 9.66 -13.95
C PHE A 174 -8.38 9.43 -14.56
N VAL A 175 -8.53 9.69 -15.86
CA VAL A 175 -9.76 9.35 -16.59
C VAL A 175 -9.94 7.83 -16.65
N LEU A 176 -8.84 7.09 -16.81
CA LEU A 176 -8.84 5.63 -16.76
C LEU A 176 -9.26 5.08 -15.40
N PHE A 177 -8.70 5.64 -14.32
CA PHE A 177 -9.05 5.20 -12.95
C PHE A 177 -10.51 5.48 -12.64
N ALA A 178 -10.98 6.66 -13.03
CA ALA A 178 -12.39 7.04 -12.90
C ALA A 178 -13.31 6.12 -13.69
N ALA A 179 -12.91 5.77 -14.91
CA ALA A 179 -13.69 4.88 -15.78
C ALA A 179 -13.79 3.47 -15.20
N LEU A 180 -12.66 2.93 -14.73
CA LEU A 180 -12.62 1.61 -14.05
C LEU A 180 -13.43 1.61 -12.75
N ALA A 181 -13.36 2.72 -12.00
CA ALA A 181 -14.16 2.90 -10.79
C ALA A 181 -15.65 3.06 -11.09
N ALA A 182 -15.97 3.72 -12.21
CA ALA A 182 -17.35 3.87 -12.67
C ALA A 182 -18.00 2.54 -13.06
N ILE A 183 -17.22 1.64 -13.66
CA ILE A 183 -17.70 0.29 -13.99
C ILE A 183 -18.04 -0.49 -12.71
N SER A 184 -17.17 -0.40 -11.70
CA SER A 184 -17.41 -1.06 -10.41
C SER A 184 -18.59 -0.46 -9.64
N PHE A 185 -18.83 0.85 -9.80
CA PHE A 185 -19.99 1.52 -9.18
C PHE A 185 -21.31 0.89 -9.61
N PHE A 186 -21.51 0.77 -10.92
CA PHE A 186 -22.75 0.20 -11.48
C PHE A 186 -22.94 -1.27 -11.11
N GLY A 187 -21.85 -2.03 -11.09
CA GLY A 187 -21.87 -3.42 -10.66
C GLY A 187 -22.14 -3.59 -9.18
N LEU A 188 -21.53 -2.74 -8.35
CA LEU A 188 -21.81 -2.70 -6.91
C LEU A 188 -23.25 -2.23 -6.62
N GLN A 189 -23.74 -1.27 -7.40
CA GLN A 189 -25.13 -0.79 -7.29
C GLN A 189 -26.14 -1.92 -7.46
N ARG A 190 -25.88 -2.81 -8.42
CA ARG A 190 -26.75 -3.96 -8.70
C ARG A 190 -26.49 -5.14 -7.74
N ALA A 191 -25.21 -5.51 -7.59
CA ALA A 191 -24.82 -6.78 -6.96
C ALA A 191 -24.64 -6.75 -5.43
N MET A 192 -24.16 -5.63 -4.89
CA MET A 192 -23.81 -5.56 -3.45
C MET A 192 -25.07 -5.64 -2.56
N PRO A 193 -25.15 -6.68 -1.70
CA PRO A 193 -26.26 -6.75 -0.75
C PRO A 193 -25.96 -5.96 0.52
N GLU A 194 -27.01 -5.49 1.19
CA GLU A 194 -26.85 -4.84 2.50
C GLU A 194 -26.72 -5.92 3.57
N THR A 195 -25.60 -5.90 4.29
CA THR A 195 -25.29 -6.91 5.32
C THR A 195 -24.83 -6.30 6.66
N ALA A 196 -25.13 -5.02 6.89
CA ALA A 196 -24.77 -4.36 8.15
C ALA A 196 -25.69 -4.83 9.27
N THR A 197 -25.11 -5.22 10.40
CA THR A 197 -25.85 -5.82 11.51
C THR A 197 -26.51 -4.81 12.45
N ARG A 198 -25.88 -3.64 12.62
CA ARG A 198 -26.30 -2.64 13.60
C ARG A 198 -27.01 -1.43 12.97
N ILE A 199 -27.88 -1.68 11.99
CA ILE A 199 -28.55 -0.59 11.26
C ILE A 199 -29.58 0.10 12.17
N GLY A 200 -29.45 1.42 12.30
CA GLY A 200 -30.34 2.23 13.14
C GLY A 200 -29.73 2.69 14.46
N GLU A 201 -28.72 1.98 14.96
CA GLU A 201 -28.09 2.30 16.24
C GLU A 201 -27.28 3.59 16.17
N LYS A 202 -27.14 4.24 17.32
CA LYS A 202 -26.41 5.52 17.41
C LYS A 202 -24.90 5.32 17.34
N LEU A 203 -24.21 6.28 16.72
CA LEU A 203 -22.75 6.27 16.60
C LEU A 203 -22.17 7.37 17.49
N SER A 204 -21.46 6.96 18.54
CA SER A 204 -20.82 7.87 19.48
C SER A 204 -19.33 7.99 19.16
N LEU A 205 -18.85 9.23 18.98
CA LEU A 205 -17.42 9.49 18.73
C LEU A 205 -16.56 9.27 19.97
N LYS A 206 -17.13 9.54 21.15
CA LYS A 206 -16.44 9.28 22.42
C LYS A 206 -16.25 7.76 22.64
N GLU A 207 -17.25 6.99 22.24
CA GLU A 207 -17.17 5.52 22.24
C GLU A 207 -16.01 5.01 21.37
N LEU A 208 -15.86 5.59 20.18
CA LEU A 208 -14.74 5.27 19.29
C LEU A 208 -13.40 5.67 19.91
N GLY A 209 -13.36 6.84 20.54
CA GLY A 209 -12.19 7.30 21.29
C GLY A 209 -11.75 6.31 22.36
N ARG A 210 -12.70 5.80 23.13
CA ARG A 210 -12.44 4.78 24.16
C ARG A 210 -11.89 3.47 23.58
N ASP A 211 -12.37 3.08 22.40
CA ASP A 211 -11.90 1.86 21.72
C ASP A 211 -10.44 1.96 21.26
N TYR A 212 -10.13 3.03 20.53
CA TYR A 212 -8.79 3.22 19.95
C TYR A 212 -7.72 3.57 21.00
N LYS A 213 -8.11 4.16 22.13
CA LYS A 213 -7.21 4.30 23.27
C LYS A 213 -6.92 2.95 23.95
N LEU A 214 -7.92 2.08 23.98
CA LEU A 214 -7.78 0.75 24.60
C LEU A 214 -6.91 -0.23 23.79
N VAL A 215 -7.03 -0.22 22.46
CA VAL A 215 -6.16 -1.05 21.59
C VAL A 215 -4.68 -0.65 21.66
N LEU A 216 -4.42 0.65 21.79
CA LEU A 216 -3.04 1.16 21.87
C LEU A 216 -2.34 0.87 23.21
N LYS A 217 -3.11 0.55 24.25
CA LYS A 217 -2.54 0.06 25.52
C LYS A 217 -1.91 -1.33 25.40
N ASN A 218 -2.36 -2.12 24.42
CA ASN A 218 -1.79 -3.44 24.12
C ASN A 218 -0.41 -3.26 23.46
N GLY A 219 0.64 -3.62 24.20
CA GLY A 219 2.02 -3.43 23.75
C GLY A 219 2.46 -4.33 22.62
N ARG A 220 2.05 -5.61 22.66
CA ARG A 220 2.38 -6.57 21.61
C ARG A 220 1.69 -6.24 20.28
N PHE A 221 0.41 -5.84 20.35
CA PHE A 221 -0.34 -5.39 19.17
C PHE A 221 0.35 -4.21 18.48
N VAL A 222 0.71 -3.20 19.27
CA VAL A 222 1.34 -1.98 18.75
C VAL A 222 2.72 -2.30 18.14
N ALA A 223 3.50 -3.15 18.82
CA ALA A 223 4.81 -3.58 18.32
C ALA A 223 4.71 -4.29 16.97
N GLY A 224 3.73 -5.19 16.83
CA GLY A 224 3.50 -5.92 15.59
C GLY A 224 3.04 -5.04 14.44
N ALA A 225 2.12 -4.11 14.74
CA ALA A 225 1.61 -3.16 13.75
C ALA A 225 2.71 -2.19 13.27
N LEU A 226 3.47 -1.67 14.22
CA LEU A 226 4.63 -0.81 13.90
C LEU A 226 5.69 -1.56 13.08
N ALA A 227 5.94 -2.82 13.46
CA ALA A 227 6.89 -3.69 12.73
C ALA A 227 6.49 -3.91 11.27
N LEU A 228 5.20 -4.07 11.01
CA LEU A 228 4.68 -4.18 9.63
C LEU A 228 4.93 -2.92 8.80
N GLY A 229 4.84 -1.76 9.45
CA GLY A 229 5.13 -0.48 8.81
C GLY A 229 6.60 -0.30 8.49
N PHE A 230 7.47 -0.60 9.46
CA PHE A 230 8.91 -0.47 9.27
C PHE A 230 9.45 -1.44 8.20
N VAL A 231 8.99 -2.69 8.25
CA VAL A 231 9.51 -3.73 7.36
C VAL A 231 9.12 -3.53 5.88
N SER A 232 7.94 -2.97 5.64
CA SER A 232 7.46 -2.72 4.26
C SER A 232 7.83 -1.33 3.71
N LEU A 233 8.42 -0.47 4.54
CA LEU A 233 8.78 0.89 4.14
C LEU A 233 9.82 0.96 3.02
N PRO A 234 10.87 0.11 3.05
CA PRO A 234 11.82 0.07 1.92
C PRO A 234 11.19 -0.24 0.56
N LEU A 235 10.23 -1.16 0.54
CA LEU A 235 9.46 -1.47 -0.68
C LEU A 235 8.66 -0.26 -1.15
N LEU A 236 7.96 0.39 -0.23
CA LEU A 236 7.14 1.58 -0.55
C LEU A 236 7.99 2.81 -0.91
N ALA A 237 9.14 2.94 -0.25
CA ALA A 237 10.12 3.99 -0.57
C ALA A 237 10.69 3.81 -1.97
N TRP A 238 10.90 2.56 -2.38
CA TRP A 238 11.31 2.23 -3.75
C TRP A 238 10.23 2.63 -4.76
N ILE A 239 8.97 2.31 -4.45
CA ILE A 239 7.84 2.68 -5.33
C ILE A 239 7.78 4.20 -5.50
N ALA A 240 7.89 4.92 -4.40
CA ALA A 240 7.82 6.39 -4.40
C ALA A 240 8.95 7.05 -5.18
N GLN A 241 10.17 6.55 -5.01
CA GLN A 241 11.38 7.23 -5.47
C GLN A 241 12.05 6.66 -6.72
N SER A 242 11.77 5.41 -7.09
CA SER A 242 12.47 4.77 -8.22
C SER A 242 12.40 5.53 -9.57
N PRO A 243 11.31 6.30 -9.82
CA PRO A 243 11.37 7.19 -10.99
C PRO A 243 12.53 8.18 -10.94
N ILE A 244 12.65 8.92 -9.83
CA ILE A 244 13.71 9.94 -9.69
C ILE A 244 15.10 9.35 -9.42
N ILE A 245 15.17 8.18 -8.79
CA ILE A 245 16.45 7.49 -8.56
C ILE A 245 17.07 7.03 -9.89
N ILE A 246 16.27 6.37 -10.72
CA ILE A 246 16.76 5.73 -11.96
CA ILE A 246 16.76 5.73 -11.96
C ILE A 246 16.81 6.72 -13.13
N ILE A 247 15.71 7.44 -13.37
CA ILE A 247 15.62 8.34 -14.52
C ILE A 247 16.36 9.67 -14.28
N THR A 248 16.06 10.34 -13.17
CA THR A 248 16.70 11.63 -12.86
C THR A 248 18.11 11.44 -12.29
N GLY A 249 18.28 10.51 -11.35
CA GLY A 249 19.55 10.29 -10.66
C GLY A 249 20.62 9.63 -11.51
N GLU A 250 20.32 8.42 -12.00
CA GLU A 250 21.27 7.64 -12.81
C GLU A 250 21.26 8.00 -14.30
N GLN A 251 20.32 8.86 -14.73
CA GLN A 251 20.22 9.32 -16.13
C GLN A 251 20.01 8.18 -17.11
N LEU A 252 19.05 7.31 -16.78
CA LEU A 252 18.68 6.16 -17.59
C LEU A 252 17.26 6.35 -18.14
N SER A 253 16.85 5.46 -19.04
CA SER A 253 15.54 5.55 -19.70
C SER A 253 14.46 4.81 -18.92
N SER A 254 13.24 4.87 -19.45
CA SER A 254 12.10 4.12 -18.90
C SER A 254 12.25 2.60 -19.01
N TYR A 255 13.03 2.13 -19.99
CA TYR A 255 13.33 0.71 -20.14
C TYR A 255 14.03 0.15 -18.92
N GLU A 256 15.13 0.79 -18.49
CA GLU A 256 15.85 0.37 -17.29
C GLU A 256 14.97 0.50 -16.04
N TYR A 257 14.23 1.60 -15.95
CA TYR A 257 13.28 1.81 -14.85
C TYR A 257 12.30 0.64 -14.74
N GLY A 258 11.59 0.37 -15.83
CA GLY A 258 10.62 -0.73 -15.89
C GLY A 258 11.21 -2.11 -15.69
N LEU A 259 12.38 -2.35 -16.26
CA LEU A 259 13.06 -3.65 -16.16
C LEU A 259 13.49 -3.99 -14.74
N LEU A 260 13.92 -2.99 -13.98
CA LEU A 260 14.35 -3.19 -12.58
C LEU A 260 13.20 -3.44 -11.61
N GLN A 261 11.96 -3.13 -12.01
CA GLN A 261 10.77 -3.48 -11.23
C GLN A 261 10.49 -4.98 -11.25
N VAL A 262 10.91 -5.66 -12.33
CA VAL A 262 10.59 -7.09 -12.55
C VAL A 262 11.21 -8.02 -11.49
N PRO A 263 12.54 -7.97 -11.28
CA PRO A 263 13.11 -8.84 -10.24
C PRO A 263 12.68 -8.51 -8.80
N ILE A 264 12.40 -7.24 -8.51
CA ILE A 264 11.98 -6.81 -7.18
C ILE A 264 10.59 -7.37 -6.86
N PHE A 265 9.61 -7.03 -7.70
CA PHE A 265 8.22 -7.45 -7.49
C PHE A 265 7.91 -8.88 -7.96
N GLY A 266 8.74 -9.42 -8.86
CA GLY A 266 8.73 -10.84 -9.18
C GLY A 266 9.15 -11.70 -7.99
N ALA A 267 10.17 -11.23 -7.28
CA ALA A 267 10.63 -11.90 -6.05
C ALA A 267 9.58 -11.82 -4.93
N LEU A 268 8.88 -10.68 -4.83
CA LEU A 268 7.78 -10.52 -3.88
C LEU A 268 6.68 -11.56 -4.12
N ILE A 269 6.34 -11.76 -5.39
CA ILE A 269 5.40 -12.80 -5.81
C ILE A 269 5.95 -14.20 -5.49
N ALA A 270 7.22 -14.42 -5.83
CA ALA A 270 7.90 -15.70 -5.55
C ALA A 270 7.89 -16.06 -4.06
N GLY A 271 8.11 -15.05 -3.22
CA GLY A 271 8.05 -15.22 -1.76
C GLY A 271 6.68 -15.60 -1.24
N ASN A 272 5.64 -15.03 -1.84
CA ASN A 272 4.25 -15.39 -1.52
C ASN A 272 3.87 -16.79 -2.04
N LEU A 273 4.38 -17.16 -3.21
CA LEU A 273 4.17 -18.52 -3.75
C LEU A 273 4.84 -19.59 -2.89
N LEU A 274 6.04 -19.29 -2.38
CA LEU A 274 6.73 -20.18 -1.45
C LEU A 274 5.99 -20.28 -0.11
N LEU A 275 5.44 -19.16 0.36
CA LEU A 275 4.60 -19.14 1.56
C LEU A 275 3.39 -20.06 1.44
N ALA A 276 2.73 -20.05 0.28
CA ALA A 276 1.58 -20.92 0.01
C ALA A 276 1.95 -22.41 0.10
N ARG A 277 3.09 -22.78 -0.47
CA ARG A 277 3.56 -24.17 -0.44
C ARG A 277 4.11 -24.62 0.93
N LEU A 278 4.58 -23.67 1.75
CA LEU A 278 5.17 -23.97 3.07
C LEU A 278 4.22 -23.84 4.27
N THR A 279 3.08 -23.15 4.11
CA THR A 279 2.22 -22.79 5.25
C THR A 279 1.62 -23.98 6.01
N SER A 280 1.36 -25.10 5.32
CA SER A 280 0.82 -26.30 5.97
C SER A 280 1.83 -27.01 6.88
N ARG A 281 3.12 -26.80 6.65
CA ARG A 281 4.20 -27.42 7.43
C ARG A 281 5.14 -26.41 8.11
N ARG A 282 4.72 -25.14 8.18
CA ARG A 282 5.48 -24.10 8.88
C ARG A 282 4.52 -23.22 9.67
N THR A 283 4.89 -22.88 10.91
CA THR A 283 4.15 -21.90 11.69
C THR A 283 4.46 -20.49 11.17
N VAL A 284 3.59 -19.54 11.49
CA VAL A 284 3.83 -18.12 11.19
C VAL A 284 5.12 -17.58 11.84
N ARG A 285 5.45 -18.11 13.03
CA ARG A 285 6.70 -17.76 13.72
C ARG A 285 7.93 -18.16 12.90
N SER A 286 7.95 -19.39 12.39
CA SER A 286 9.08 -19.91 11.61
CA SER A 286 9.07 -19.91 11.60
C SER A 286 9.21 -19.19 10.27
N LEU A 287 8.08 -18.86 9.64
CA LEU A 287 8.07 -18.11 8.37
C LEU A 287 8.60 -16.68 8.52
N ILE A 288 8.35 -16.07 9.67
CA ILE A 288 8.93 -14.76 10.02
C ILE A 288 10.46 -14.87 10.16
N ILE A 289 10.92 -15.94 10.82
CA ILE A 289 12.36 -16.18 11.00
C ILE A 289 13.02 -16.56 9.67
N MET A 290 12.33 -17.36 8.86
CA MET A 290 12.84 -17.79 7.55
C MET A 290 12.91 -16.62 6.58
N GLY A 291 11.86 -15.80 6.54
CA GLY A 291 11.82 -14.59 5.73
C GLY A 291 12.76 -13.49 6.21
N GLY A 292 13.05 -13.48 7.51
CA GLY A 292 13.96 -12.52 8.10
C GLY A 292 15.39 -12.53 7.57
N TRP A 293 15.87 -13.69 7.16
CA TRP A 293 17.21 -13.79 6.55
C TRP A 293 17.33 -12.99 5.23
N PRO A 294 16.45 -13.26 4.23
CA PRO A 294 16.45 -12.44 3.02
C PRO A 294 16.10 -10.95 3.25
N ILE A 295 15.26 -10.64 4.23
CA ILE A 295 14.93 -9.25 4.57
C ILE A 295 16.18 -8.47 4.98
N MET A 296 16.95 -9.03 5.93
CA MET A 296 18.13 -8.35 6.46
C MET A 296 19.34 -8.42 5.52
N ILE A 297 19.56 -9.56 4.88
CA ILE A 297 20.67 -9.74 3.93
C ILE A 297 20.47 -8.84 2.70
N GLY A 298 19.24 -8.76 2.21
CA GLY A 298 18.88 -7.89 1.09
C GLY A 298 19.13 -6.42 1.34
N LEU A 299 18.71 -5.93 2.51
CA LEU A 299 18.92 -4.53 2.88
C LEU A 299 20.38 -4.18 3.14
N LEU A 300 21.13 -5.13 3.71
CA LEU A 300 22.58 -4.97 3.90
C LEU A 300 23.35 -4.85 2.59
N VAL A 301 23.02 -5.72 1.62
CA VAL A 301 23.66 -5.72 0.30
C VAL A 301 23.39 -4.40 -0.44
N ALA A 302 22.15 -3.94 -0.42
CA ALA A 302 21.76 -2.67 -1.04
C ALA A 302 22.46 -1.47 -0.40
N ALA A 303 22.56 -1.47 0.93
CA ALA A 303 23.21 -0.39 1.67
C ALA A 303 24.73 -0.38 1.49
N ALA A 304 25.35 -1.54 1.70
CA ALA A 304 26.82 -1.68 1.60
C ALA A 304 27.35 -1.36 0.21
N ALA A 305 26.66 -1.83 -0.83
CA ALA A 305 27.07 -1.60 -2.22
C ALA A 305 27.01 -0.13 -2.62
N THR A 306 25.92 0.54 -2.25
CA THR A 306 25.72 1.95 -2.60
C THR A 306 26.53 2.93 -1.72
N VAL A 307 26.99 2.48 -0.57
CA VAL A 307 27.98 3.24 0.22
C VAL A 307 29.37 3.12 -0.43
N ILE A 308 29.72 1.90 -0.86
CA ILE A 308 30.98 1.65 -1.58
C ILE A 308 31.00 2.38 -2.92
N SER A 309 29.89 2.36 -3.65
CA SER A 309 29.75 3.06 -4.93
C SER A 309 28.31 3.52 -5.13
N SER A 310 28.11 4.84 -5.12
CA SER A 310 26.78 5.46 -5.20
C SER A 310 25.92 5.02 -6.39
N HIS A 311 26.57 4.74 -7.53
CA HIS A 311 25.86 4.38 -8.77
C HIS A 311 25.72 2.86 -8.99
N ALA A 312 25.87 2.06 -7.92
CA ALA A 312 25.74 0.60 -8.01
C ALA A 312 24.26 0.19 -7.92
N TYR A 313 23.50 0.56 -8.95
CA TYR A 313 22.04 0.40 -8.94
C TYR A 313 21.57 -1.04 -9.18
N LEU A 314 22.39 -1.85 -9.87
CA LEU A 314 22.11 -3.28 -10.05
C LEU A 314 22.27 -4.06 -8.75
N TRP A 315 23.27 -3.71 -7.94
CA TRP A 315 23.43 -4.25 -6.59
C TRP A 315 22.28 -3.83 -5.67
N MET A 316 21.86 -2.56 -5.77
CA MET A 316 20.69 -2.05 -5.05
C MET A 316 19.43 -2.83 -5.41
N THR A 317 19.21 -3.02 -6.71
CA THR A 317 18.08 -3.80 -7.22
C THR A 317 18.14 -5.27 -6.79
N ALA A 318 19.35 -5.83 -6.78
CA ALA A 318 19.58 -7.20 -6.32
C ALA A 318 19.27 -7.34 -4.82
N GLY A 319 19.71 -6.36 -4.04
CA GLY A 319 19.42 -6.32 -2.61
C GLY A 319 17.95 -6.13 -2.28
N LEU A 320 17.28 -5.24 -3.02
CA LEU A 320 15.84 -5.03 -2.85
C LEU A 320 14.99 -6.25 -3.27
N SER A 321 15.49 -7.00 -4.25
CA SER A 321 14.82 -8.23 -4.71
C SER A 321 14.91 -9.36 -3.68
N ILE A 322 16.08 -9.51 -3.07
CA ILE A 322 16.28 -10.49 -2.00
C ILE A 322 15.42 -10.09 -0.79
N TYR A 323 15.41 -8.80 -0.47
CA TYR A 323 14.54 -8.23 0.58
C TYR A 323 13.05 -8.49 0.31
N ALA A 324 12.62 -8.22 -0.92
CA ALA A 324 11.22 -8.40 -1.32
C ALA A 324 10.74 -9.85 -1.23
N PHE A 325 11.64 -10.79 -1.49
CA PHE A 325 11.36 -12.23 -1.34
C PHE A 325 11.02 -12.59 0.12
N GLY A 326 11.83 -12.07 1.04
CA GLY A 326 11.59 -12.25 2.48
C GLY A 326 10.31 -11.59 2.98
N ILE A 327 9.95 -10.45 2.41
CA ILE A 327 8.69 -9.75 2.70
C ILE A 327 7.49 -10.61 2.30
N GLY A 328 7.53 -11.15 1.08
CA GLY A 328 6.48 -12.05 0.58
C GLY A 328 6.29 -13.30 1.41
N LEU A 329 7.37 -13.77 2.03
CA LEU A 329 7.35 -14.95 2.90
C LEU A 329 6.89 -14.64 4.33
N ALA A 330 7.28 -13.48 4.86
CA ALA A 330 7.13 -13.15 6.29
C ALA A 330 5.91 -12.30 6.67
N ASN A 331 5.51 -11.36 5.81
CA ASN A 331 4.53 -10.32 6.22
C ASN A 331 3.11 -10.82 6.52
N ALA A 332 2.59 -11.72 5.70
CA ALA A 332 1.23 -12.27 5.89
C ALA A 332 1.07 -12.96 7.23
N GLY A 333 2.12 -13.68 7.66
CA GLY A 333 2.15 -14.31 8.98
C GLY A 333 2.19 -13.30 10.12
N LEU A 334 2.95 -12.22 9.96
CA LEU A 334 3.01 -11.14 10.95
C LEU A 334 1.68 -10.38 11.05
N VAL A 335 1.00 -10.20 9.92
CA VAL A 335 -0.34 -9.61 9.89
C VAL A 335 -1.31 -10.46 10.73
N ARG A 336 -1.24 -11.78 10.58
CA ARG A 336 -2.08 -12.69 11.36
C ARG A 336 -1.78 -12.65 12.86
N LEU A 337 -0.50 -12.69 13.23
CA LEU A 337 -0.09 -12.61 14.64
C LEU A 337 -0.47 -11.29 15.29
N THR A 338 -0.33 -10.20 14.55
CA THR A 338 -0.72 -8.87 15.03
C THR A 338 -2.24 -8.78 15.30
N GLU A 339 -3.04 -9.40 14.42
CA GLU A 339 -4.49 -9.49 14.64
C GLU A 339 -4.86 -10.34 15.87
N PHE A 340 -4.17 -11.48 16.06
CA PHE A 340 -4.38 -12.33 17.24
C PHE A 340 -3.89 -11.70 18.55
N ALA A 341 -2.97 -10.74 18.47
CA ALA A 341 -2.43 -10.06 19.66
C ALA A 341 -3.47 -9.22 20.43
N SER A 342 -4.51 -8.75 19.76
CA SER A 342 -5.59 -7.98 20.37
C SER A 342 -6.90 -8.78 20.39
N ASP A 343 -7.60 -8.75 21.52
CA ASP A 343 -8.90 -9.42 21.68
C ASP A 343 -10.11 -8.53 21.33
N MET A 344 -9.85 -7.29 20.90
CA MET A 344 -10.93 -6.36 20.53
C MET A 344 -11.46 -6.67 19.13
N SER A 345 -12.55 -5.98 18.74
CA SER A 345 -13.27 -6.27 17.49
C SER A 345 -12.39 -6.15 16.25
N LYS A 346 -12.73 -6.95 15.23
CA LYS A 346 -11.93 -7.05 14.00
C LYS A 346 -11.83 -5.72 13.22
N GLY A 347 -12.91 -4.94 13.23
CA GLY A 347 -12.93 -3.62 12.60
C GLY A 347 -11.98 -2.62 13.25
N THR A 348 -11.99 -2.60 14.59
CA THR A 348 -11.10 -1.73 15.37
C THR A 348 -9.64 -2.16 15.25
N VAL A 349 -9.40 -3.47 15.31
CA VAL A 349 -8.04 -4.03 15.22
C VAL A 349 -7.44 -3.81 13.83
N SER A 350 -8.22 -4.06 12.78
CA SER A 350 -7.77 -3.86 11.39
C SER A 350 -7.47 -2.40 11.07
N ALA A 351 -8.37 -1.51 11.50
CA ALA A 351 -8.21 -0.07 11.27
C ALA A 351 -7.00 0.51 12.02
N ALA A 352 -6.82 0.09 13.27
CA ALA A 352 -5.70 0.58 14.10
C ALA A 352 -4.34 0.19 13.54
N MET A 353 -4.16 -1.09 13.21
CA MET A 353 -2.89 -1.57 12.63
C MET A 353 -2.67 -1.04 11.20
N GLY A 354 -3.76 -0.81 10.47
CA GLY A 354 -3.69 -0.13 9.17
C GLY A 354 -3.22 1.31 9.28
N MET A 355 -3.74 2.05 10.26
CA MET A 355 -3.33 3.44 10.51
C MET A 355 -1.89 3.58 11.02
N LEU A 356 -1.45 2.63 11.85
CA LEU A 356 -0.07 2.62 12.35
C LEU A 356 0.96 2.40 11.24
N GLN A 357 0.65 1.49 10.31
CA GLN A 357 1.49 1.27 9.12
C GLN A 357 1.55 2.50 8.21
N MET A 358 0.39 3.10 7.96
CA MET A 358 0.27 4.30 7.11
C MET A 358 1.05 5.49 7.65
N LEU A 359 1.03 5.67 8.97
CA LEU A 359 1.81 6.70 9.64
C LEU A 359 3.31 6.52 9.38
N ILE A 360 3.78 5.28 9.46
CA ILE A 360 5.18 4.95 9.19
C ILE A 360 5.51 5.11 7.70
N PHE A 361 4.59 4.75 6.81
CA PHE A 361 4.79 4.90 5.37
C PHE A 361 4.86 6.37 4.94
N THR A 362 3.92 7.18 5.42
CA THR A 362 3.85 8.60 5.04
C THR A 362 5.07 9.39 5.52
N VAL A 363 5.37 9.25 6.81
CA VAL A 363 6.53 9.92 7.42
C VAL A 363 7.84 9.34 6.86
N GLY A 364 7.87 8.02 6.68
CA GLY A 364 9.05 7.32 6.16
C GLY A 364 9.44 7.70 4.73
N ILE A 365 8.46 7.85 3.84
CA ILE A 365 8.71 8.25 2.45
C ILE A 365 9.29 9.68 2.38
N GLU A 366 8.82 10.57 3.25
CA GLU A 366 9.36 11.93 3.32
C GLU A 366 10.78 11.97 3.86
N ILE A 367 11.07 11.15 4.88
CA ILE A 367 12.44 11.00 5.39
C ILE A 367 13.33 10.37 4.31
N SER A 368 12.81 9.35 3.64
CA SER A 368 13.50 8.70 2.51
C SER A 368 13.83 9.69 1.39
N LYS A 369 12.87 10.55 1.06
CA LYS A 369 13.07 11.60 0.05
C LYS A 369 14.26 12.50 0.39
N HIS A 370 14.25 13.05 1.61
CA HIS A 370 15.32 13.93 2.08
C HIS A 370 16.65 13.20 2.26
N ALA A 371 16.60 11.91 2.58
CA ALA A 371 17.81 11.08 2.64
C ALA A 371 18.47 10.99 1.26
N TRP A 372 17.69 10.66 0.24
CA TRP A 372 18.20 10.55 -1.13
C TRP A 372 18.66 11.90 -1.71
N LEU A 373 17.89 12.95 -1.48
CA LEU A 373 18.23 14.30 -1.97
C LEU A 373 19.54 14.85 -1.38
N ASN A 374 19.86 14.46 -0.14
CA ASN A 374 21.06 14.93 0.55
C ASN A 374 22.29 14.02 0.40
N GLY A 375 22.06 12.71 0.34
CA GLY A 375 23.16 11.72 0.29
C GLY A 375 23.12 10.66 -0.80
N GLY A 376 22.23 10.80 -1.78
CA GLY A 376 22.16 9.86 -2.92
C GLY A 376 21.65 8.48 -2.55
N ASN A 377 22.03 7.49 -3.34
CA ASN A 377 21.55 6.10 -3.15
C ASN A 377 22.01 5.46 -1.85
N GLY A 378 23.22 5.82 -1.40
CA GLY A 378 23.77 5.32 -0.15
C GLY A 378 22.87 5.59 1.04
N LEU A 379 22.44 6.85 1.16
CA LEU A 379 21.59 7.28 2.29
C LEU A 379 20.17 6.70 2.19
N PHE A 380 19.65 6.63 0.96
CA PHE A 380 18.36 5.97 0.69
C PHE A 380 18.35 4.53 1.23
N ASN A 381 19.37 3.76 0.86
CA ASN A 381 19.48 2.36 1.28
C ASN A 381 19.86 2.19 2.76
N LEU A 382 20.62 3.13 3.32
CA LEU A 382 20.96 3.10 4.75
C LEU A 382 19.75 3.36 5.65
N PHE A 383 18.86 4.25 5.22
CA PHE A 383 17.60 4.48 5.93
C PHE A 383 16.70 3.25 5.88
N ASN A 384 16.65 2.59 4.72
CA ASN A 384 15.92 1.33 4.56
C ASN A 384 16.47 0.20 5.45
N LEU A 385 17.79 0.15 5.61
CA LEU A 385 18.44 -0.82 6.49
C LEU A 385 18.05 -0.61 7.96
N VAL A 386 18.05 0.65 8.39
CA VAL A 386 17.61 1.03 9.75
C VAL A 386 16.17 0.55 10.00
N ASN A 387 15.30 0.75 9.01
CA ASN A 387 13.92 0.27 9.11
C ASN A 387 13.81 -1.25 9.23
N GLY A 388 14.67 -1.97 8.50
CA GLY A 388 14.79 -3.43 8.65
C GLY A 388 15.23 -3.86 10.05
N ILE A 389 16.18 -3.11 10.62
CA ILE A 389 16.69 -3.37 11.98
C ILE A 389 15.60 -3.09 13.04
N LEU A 390 14.78 -2.06 12.83
CA LEU A 390 13.67 -1.75 13.73
C LEU A 390 12.60 -2.85 13.73
N TRP A 391 12.31 -3.42 12.56
CA TRP A 391 11.45 -4.61 12.46
C TRP A 391 12.06 -5.79 13.21
N LEU A 392 13.34 -6.05 12.94
CA LEU A 392 14.07 -7.15 13.56
C LEU A 392 14.09 -7.01 15.09
N SER A 393 14.36 -5.79 15.56
CA SER A 393 14.32 -5.46 16.99
C SER A 393 12.96 -5.78 17.61
N LEU A 394 11.89 -5.35 16.94
CA LEU A 394 10.53 -5.62 17.39
C LEU A 394 10.19 -7.11 17.39
N MET A 395 10.69 -7.86 16.40
CA MET A 395 10.47 -9.32 16.34
C MET A 395 11.14 -10.10 17.47
N VAL A 396 12.28 -9.59 17.98
CA VAL A 396 12.94 -10.19 19.15
C VAL A 396 12.05 -10.07 20.40
N ILE A 397 11.36 -8.94 20.55
CA ILE A 397 10.43 -8.72 21.66
C ILE A 397 9.10 -9.44 21.39
N PHE A 398 8.53 -9.19 20.21
CA PHE A 398 7.22 -9.74 19.80
C PHE A 398 7.14 -11.28 19.83
N LEU A 399 8.27 -11.94 19.55
CA LEU A 399 8.35 -13.41 19.60
C LEU A 399 9.13 -13.86 20.86
N LYS A 400 8.69 -13.35 22.02
CA LYS A 400 9.37 -13.57 23.31
C LYS A 400 10.84 -13.17 23.29
#